data_5QA2
#
_entry.id   5QA2
#
_cell.length_a   51.774
_cell.length_b   56.904
_cell.length_c   114.818
_cell.angle_alpha   90.000
_cell.angle_beta   90.000
_cell.angle_gamma   90.000
#
_symmetry.space_group_name_H-M   'P 21 21 21'
#
loop_
_entity.id
_entity.type
_entity.pdbx_description
1 polymer 'DNA cross-link repair 1A protein'
2 non-polymer 'MALONATE ION'
3 non-polymer 'NICKEL (II) ION'
4 water water
#
_entity_poly.entity_id   1
_entity_poly.type   'polypeptide(L)'
_entity_poly.pdbx_seq_one_letter_code
;KKTCPFYKKIPGTGFTVDAFQYGVVEGCTAYFLTHFHSDHYAGLSKHFTFPVYCSEITGNLLKNKLHVQEQYIHPLPLDT
ECIVNGVKVVLLDANHCPGAVMILFYLPNGTVILHTGDFRADPSMERSLLADQKVHMLYLDTTYCSPEYTFPSQQEVIRF
AINTAFEAVTLNPHALVVCGTYSIGKEKVFLAIADVLGSKVGMSQEKYKTLQCLNIPEINSLITTDMCSSLVHLLPMMQI
NFKGLQSHLKKCGGKYNQILAFRPTGWTHSNKFTRIADVIPQTKGNISIYGIPYSEHSSYLEMKRFVQWLKPQKIIPTVN
VGTWKSRSTMEKYFREWKLEAGY
;
_entity_poly.pdbx_strand_id   A
#
loop_
_chem_comp.id
_chem_comp.type
_chem_comp.name
_chem_comp.formula
MLI non-polymer 'MALONATE ION' 'C3 H2 O4 -2'
NI non-polymer 'NICKEL (II) ION' 'Ni 2'
#
# COMPACT_ATOMS: atom_id res chain seq x y z
N THR A 3 24.04 -3.87 7.96
CA THR A 3 24.06 -2.44 8.45
C THR A 3 23.08 -1.52 7.66
N CYS A 4 22.53 -0.55 8.35
CA CYS A 4 21.53 0.34 7.75
C CYS A 4 21.99 1.12 6.53
N PRO A 5 21.23 1.11 5.42
CA PRO A 5 21.64 1.84 4.23
C PRO A 5 21.47 3.34 4.40
N PHE A 6 22.28 4.11 3.67
CA PHE A 6 22.22 5.57 3.84
C PHE A 6 20.81 6.13 3.55
N TYR A 7 20.07 5.49 2.64
CA TYR A 7 18.81 6.07 2.17
C TYR A 7 17.67 5.86 3.19
N LYS A 8 17.99 5.24 4.34
CA LYS A 8 17.04 5.11 5.50
C LYS A 8 17.41 6.04 6.64
N LYS A 9 18.39 6.94 6.43
CA LYS A 9 18.86 7.80 7.46
C LYS A 9 18.52 9.26 7.08
N ILE A 10 18.05 10.03 8.03
CA ILE A 10 17.70 11.42 7.86
C ILE A 10 18.88 12.31 8.44
N PRO A 11 19.63 12.96 7.53
CA PRO A 11 20.85 13.72 8.00
C PRO A 11 20.48 14.83 8.94
N GLY A 12 21.31 15.07 9.96
CA GLY A 12 21.09 16.20 10.84
C GLY A 12 20.05 15.95 11.88
N THR A 13 19.65 14.67 11.99
CA THR A 13 18.73 14.26 13.02
C THR A 13 19.23 12.98 13.65
N GLY A 14 18.61 12.60 14.72
CA GLY A 14 18.75 11.24 15.23
C GLY A 14 17.73 10.27 14.63
N PHE A 15 17.26 10.49 13.41
CA PHE A 15 16.10 9.67 12.94
C PHE A 15 16.42 8.64 11.86
N THR A 16 15.74 7.48 11.90
CA THR A 16 15.72 6.57 10.78
C THR A 16 14.25 6.37 10.34
N VAL A 17 14.11 5.84 9.12
CA VAL A 17 12.80 5.54 8.49
C VAL A 17 12.80 4.07 8.00
N ASP A 18 11.85 3.32 8.50
CA ASP A 18 11.61 1.94 8.11
C ASP A 18 12.92 1.06 8.25
N ALA A 19 13.54 1.20 9.41
CA ALA A 19 14.88 0.62 9.64
C ALA A 19 14.89 -0.21 10.96
N PHE A 20 14.15 -1.31 10.97
CA PHE A 20 13.92 -2.10 12.19
C PHE A 20 14.64 -3.46 12.17
N GLN A 21 15.36 -3.75 11.08
CA GLN A 21 16.01 -5.08 10.85
C GLN A 21 17.54 -5.01 10.93
N TYR A 22 18.07 -3.94 11.50
CA TYR A 22 19.51 -3.73 11.50
C TYR A 22 20.04 -3.74 12.94
N GLY A 23 19.21 -4.17 13.89
CA GLY A 23 19.55 -4.04 15.31
C GLY A 23 19.58 -2.59 15.74
N VAL A 24 20.37 -2.29 16.75
CA VAL A 24 20.41 -0.93 17.32
C VAL A 24 21.23 -0.11 16.35
N VAL A 25 20.63 0.96 15.81
CA VAL A 25 21.31 1.74 14.78
C VAL A 25 22.05 2.82 15.53
N GLU A 26 23.30 3.04 15.13
CA GLU A 26 24.22 3.89 15.87
C GLU A 26 23.79 5.34 15.71
N GLY A 27 23.40 5.98 16.81
CA GLY A 27 23.03 7.40 16.72
C GLY A 27 21.55 7.63 16.48
N CYS A 28 20.75 6.56 16.45
CA CYS A 28 19.32 6.73 16.24
C CYS A 28 18.58 6.85 17.56
N THR A 29 17.93 7.99 17.76
CA THR A 29 17.13 8.30 18.96
C THR A 29 15.60 8.10 18.80
N ALA A 30 15.14 8.03 17.54
CA ALA A 30 13.73 7.78 17.19
C ALA A 30 13.60 7.05 15.83
N TYR A 31 12.77 6.02 15.81
CA TYR A 31 12.55 5.14 14.64
C TYR A 31 11.15 5.48 14.08
N PHE A 32 11.10 5.96 12.83
CA PHE A 32 9.81 6.20 12.19
C PHE A 32 9.40 4.95 11.37
N LEU A 33 8.09 4.63 11.35
CA LEU A 33 7.53 3.59 10.50
C LEU A 33 6.43 4.14 9.64
N THR A 34 6.64 4.17 8.32
CA THR A 34 5.71 4.80 7.37
C THR A 34 4.38 4.01 7.23
N HIS A 35 4.43 2.67 7.30
CA HIS A 35 3.25 1.80 7.11
C HIS A 35 3.49 0.40 7.53
N PHE A 36 2.40 -0.29 7.79
CA PHE A 36 2.48 -1.69 8.21
C PHE A 36 2.52 -2.70 7.05
N HIS A 37 3.63 -2.70 6.28
CA HIS A 37 4.00 -3.77 5.37
C HIS A 37 5.32 -4.44 5.83
N SER A 38 5.42 -5.77 5.63
CA SER A 38 6.53 -6.53 6.26
C SER A 38 7.94 -6.10 5.80
N ASP A 39 8.14 -5.72 4.55
CA ASP A 39 9.47 -5.24 4.14
C ASP A 39 9.89 -3.99 4.91
N HIS A 40 8.92 -3.29 5.50
CA HIS A 40 9.19 -2.06 6.22
C HIS A 40 9.23 -2.23 7.71
N TYR A 41 8.35 -3.06 8.30
CA TYR A 41 8.32 -3.26 9.78
C TYR A 41 9.31 -4.39 10.27
N ALA A 42 9.92 -5.08 9.32
CA ALA A 42 10.67 -6.32 9.64
C ALA A 42 11.66 -6.02 10.77
N GLY A 43 11.48 -6.68 11.92
CA GLY A 43 12.31 -6.52 13.10
C GLY A 43 11.57 -6.08 14.32
N LEU A 44 10.46 -5.40 14.18
CA LEU A 44 9.63 -5.05 15.34
C LEU A 44 8.94 -6.25 16.06
N SER A 45 8.77 -6.14 17.39
CA SER A 45 8.15 -7.18 18.26
C SER A 45 7.89 -6.63 19.66
N LYS A 46 7.32 -7.46 20.54
CA LYS A 46 7.13 -7.04 21.96
C LYS A 46 8.42 -6.66 22.72
N HIS A 47 9.59 -7.02 22.19
CA HIS A 47 10.86 -6.72 22.86
C HIS A 47 11.53 -5.41 22.44
N PHE A 48 10.93 -4.71 21.47
CA PHE A 48 11.42 -3.40 21.07
C PHE A 48 11.23 -2.34 22.16
N THR A 49 12.32 -1.66 22.59
CA THR A 49 12.16 -0.60 23.60
C THR A 49 12.67 0.78 23.21
N PHE A 50 12.75 1.07 21.90
CA PHE A 50 12.96 2.45 21.45
C PHE A 50 11.65 3.13 21.03
N PRO A 51 11.66 4.48 20.96
CA PRO A 51 10.42 5.14 20.58
C PRO A 51 10.19 4.90 19.05
N VAL A 52 8.93 4.53 18.74
CA VAL A 52 8.47 4.33 17.34
C VAL A 52 7.43 5.37 17.10
N TYR A 53 7.60 6.12 16.01
CA TYR A 53 6.68 7.17 15.64
C TYR A 53 5.98 6.75 14.32
N CYS A 54 4.66 6.97 14.30
CA CYS A 54 3.79 6.43 13.21
C CYS A 54 2.41 7.02 13.25
N SER A 55 1.56 6.67 12.29
CA SER A 55 0.13 7.03 12.32
C SER A 55 -0.64 6.28 13.42
N GLU A 56 -1.84 6.75 13.70
CA GLU A 56 -2.76 6.07 14.66
C GLU A 56 -3.05 4.60 14.20
N ILE A 57 -3.40 4.45 12.91
CA ILE A 57 -3.69 3.09 12.40
C ILE A 57 -2.51 2.18 12.50
N THR A 58 -1.32 2.64 12.04
CA THR A 58 -0.12 1.83 12.20
C THR A 58 0.12 1.43 13.68
N GLY A 59 -0.10 2.39 14.58
CA GLY A 59 0.07 2.12 16.02
C GLY A 59 -0.93 1.07 16.55
N ASN A 60 -2.15 1.06 16.04
CA ASN A 60 -3.10 -0.03 16.43
C ASN A 60 -2.62 -1.38 15.99
N LEU A 61 -2.03 -1.45 14.79
CA LEU A 61 -1.49 -2.71 14.28
C LEU A 61 -0.23 -3.19 15.04
N LEU A 62 0.64 -2.24 15.41
CA LEU A 62 1.85 -2.55 16.17
C LEU A 62 1.44 -3.19 17.54
N LYS A 63 0.50 -2.58 18.20
CA LYS A 63 0.04 -3.04 19.56
C LYS A 63 -0.64 -4.39 19.44
N ASN A 64 -1.56 -4.53 18.48
CA ASN A 64 -2.41 -5.74 18.39
C ASN A 64 -1.88 -6.91 17.64
N LYS A 65 -1.14 -6.68 16.55
CA LYS A 65 -0.59 -7.76 15.76
C LYS A 65 0.83 -8.16 16.14
N LEU A 66 1.70 -7.21 16.50
CA LEU A 66 3.09 -7.55 16.81
C LEU A 66 3.38 -7.52 18.33
N HIS A 67 2.38 -7.14 19.13
N HIS A 67 2.40 -7.12 19.13
CA HIS A 67 2.45 -6.92 20.59
CA HIS A 67 2.56 -7.09 20.55
C HIS A 67 3.52 -5.97 21.13
C HIS A 67 3.68 -6.12 20.99
N VAL A 68 3.79 -4.95 20.34
CA VAL A 68 4.68 -3.88 20.80
C VAL A 68 4.01 -3.20 21.98
N GLN A 69 4.77 -2.91 23.03
CA GLN A 69 4.18 -2.28 24.19
C GLN A 69 3.87 -0.83 23.96
N GLU A 70 2.72 -0.46 24.48
CA GLU A 70 2.09 0.82 24.33
C GLU A 70 2.98 2.01 24.70
N GLN A 71 3.74 1.86 25.78
CA GLN A 71 4.65 2.94 26.21
C GLN A 71 5.74 3.35 25.17
N TYR A 72 6.04 2.49 24.19
CA TYR A 72 6.98 2.82 23.14
C TYR A 72 6.33 3.23 21.81
N ILE A 73 5.00 3.15 21.72
CA ILE A 73 4.27 3.59 20.51
C ILE A 73 3.86 5.06 20.62
N HIS A 74 4.32 5.89 19.68
CA HIS A 74 3.95 7.28 19.66
C HIS A 74 3.17 7.61 18.36
N PRO A 75 1.87 7.41 18.36
CA PRO A 75 1.04 7.83 17.24
C PRO A 75 0.96 9.35 17.12
N LEU A 76 1.01 9.87 15.88
CA LEU A 76 0.77 11.28 15.55
C LEU A 76 -0.41 11.50 14.64
N PRO A 77 -1.17 12.57 14.85
CA PRO A 77 -2.26 12.93 14.00
C PRO A 77 -1.72 13.37 12.64
N LEU A 78 -2.50 13.17 11.59
CA LEU A 78 -2.13 13.69 10.30
C LEU A 78 -2.36 15.16 10.14
N ASP A 79 -1.61 15.77 9.22
CA ASP A 79 -1.78 17.14 8.78
C ASP A 79 -1.60 18.12 9.94
N THR A 80 -0.72 17.78 10.84
CA THR A 80 -0.53 18.55 12.13
C THR A 80 0.96 18.71 12.43
N GLU A 81 1.43 19.95 12.64
CA GLU A 81 2.84 20.15 13.00
C GLU A 81 3.06 19.60 14.41
N CYS A 82 4.06 18.70 14.56
CA CYS A 82 4.41 18.11 15.84
C CYS A 82 5.91 18.25 16.07
N ILE A 83 6.35 18.24 17.32
CA ILE A 83 7.79 18.35 17.65
C ILE A 83 8.29 17.01 18.20
N VAL A 84 9.30 16.45 17.54
CA VAL A 84 9.91 15.18 17.96
C VAL A 84 11.39 15.38 18.20
N ASN A 85 11.81 15.13 19.44
CA ASN A 85 13.23 15.33 19.84
C ASN A 85 13.79 16.61 19.25
N GLY A 86 13.02 17.69 19.44
CA GLY A 86 13.32 19.03 19.02
C GLY A 86 13.27 19.39 17.57
N VAL A 87 12.67 18.53 16.74
CA VAL A 87 12.56 18.76 15.31
C VAL A 87 11.08 18.72 14.90
N LYS A 88 10.64 19.72 14.16
CA LYS A 88 9.25 19.74 13.61
C LYS A 88 9.08 18.71 12.46
N VAL A 89 8.01 17.94 12.61
CA VAL A 89 7.57 16.93 11.61
C VAL A 89 6.10 17.01 11.32
N VAL A 90 5.72 16.55 10.11
CA VAL A 90 4.30 16.50 9.71
C VAL A 90 4.13 15.14 9.02
N LEU A 91 3.06 14.41 9.36
CA LEU A 91 2.67 13.20 8.62
C LEU A 91 1.56 13.54 7.65
N LEU A 92 1.67 13.06 6.40
CA LEU A 92 0.71 13.30 5.35
C LEU A 92 0.17 12.00 4.78
N ASP A 93 -1.05 11.97 4.29
CA ASP A 93 -1.55 10.79 3.66
C ASP A 93 -0.80 10.36 2.43
N ALA A 94 -0.37 9.09 2.41
CA ALA A 94 0.46 8.60 1.26
C ALA A 94 -0.37 7.95 0.13
N ASN A 95 -1.73 7.88 0.29
CA ASN A 95 -2.54 7.18 -0.77
C ASN A 95 -1.90 5.78 -1.14
N HIS A 96 -1.57 5.03 -0.08
CA HIS A 96 -0.97 3.63 -0.20
C HIS A 96 -1.97 2.68 0.45
N CYS A 97 -1.65 2.01 1.53
CA CYS A 97 -2.61 1.14 2.30
C CYS A 97 -3.13 1.95 3.50
N PRO A 98 -4.08 1.38 4.30
CA PRO A 98 -4.53 2.14 5.46
C PRO A 98 -3.44 2.44 6.47
N GLY A 99 -3.39 3.67 6.95
CA GLY A 99 -2.38 4.08 7.88
C GLY A 99 -1.03 4.51 7.31
N ALA A 100 -0.91 4.41 5.98
CA ALA A 100 0.35 4.80 5.32
C ALA A 100 0.55 6.33 5.19
N VAL A 101 1.77 6.77 5.56
CA VAL A 101 2.10 8.20 5.61
C VAL A 101 3.37 8.53 4.82
N MET A 102 3.46 9.77 4.34
CA MET A 102 4.70 10.47 3.93
C MET A 102 5.09 11.34 5.18
N ILE A 103 6.40 11.62 5.35
CA ILE A 103 6.91 12.40 6.51
C ILE A 103 7.67 13.63 6.05
N LEU A 104 7.25 14.83 6.50
CA LEU A 104 7.98 16.05 6.20
C LEU A 104 8.83 16.37 7.44
N PHE A 105 10.13 16.54 7.27
CA PHE A 105 11.06 16.95 8.36
C PHE A 105 11.58 18.37 8.10
N TYR A 106 11.54 19.22 9.14
CA TYR A 106 12.01 20.64 9.04
C TYR A 106 13.29 20.75 9.88
N LEU A 107 14.45 20.60 9.24
CA LEU A 107 15.69 20.48 9.96
C LEU A 107 16.01 21.80 10.63
N PRO A 108 16.76 21.71 11.74
CA PRO A 108 17.12 22.93 12.45
C PRO A 108 17.92 23.96 11.60
N ASN A 109 18.79 23.51 10.68
CA ASN A 109 19.50 24.41 9.78
C ASN A 109 18.64 25.04 8.62
N GLY A 110 17.36 24.67 8.47
CA GLY A 110 16.47 25.26 7.47
C GLY A 110 16.16 24.32 6.26
N THR A 111 16.84 23.22 6.17
CA THR A 111 16.60 22.21 5.10
C THR A 111 15.23 21.60 5.39
N VAL A 112 14.46 21.35 4.35
CA VAL A 112 13.18 20.64 4.44
C VAL A 112 13.32 19.33 3.59
N ILE A 113 12.96 18.20 4.23
CA ILE A 113 13.09 16.86 3.60
C ILE A 113 11.69 16.21 3.57
N LEU A 114 11.25 15.66 2.42
CA LEU A 114 10.04 14.83 2.32
C LEU A 114 10.45 13.37 2.05
N HIS A 115 10.02 12.45 2.91
CA HIS A 115 10.21 10.99 2.69
C HIS A 115 8.81 10.46 2.32
N THR A 116 8.64 9.94 1.10
CA THR A 116 7.30 9.58 0.66
C THR A 116 6.81 8.21 1.31
N GLY A 117 7.71 7.47 1.93
CA GLY A 117 7.38 6.06 2.27
C GLY A 117 7.02 5.36 0.94
N ASP A 118 6.05 4.48 0.97
CA ASP A 118 5.42 3.92 -0.25
C ASP A 118 4.22 4.85 -0.51
N PHE A 119 4.02 5.23 -1.74
CA PHE A 119 2.89 6.16 -2.09
C PHE A 119 2.36 5.97 -3.52
N ARG A 120 1.11 6.38 -3.78
CA ARG A 120 0.58 6.53 -5.11
C ARG A 120 0.29 8.04 -5.32
N ALA A 121 1.20 8.74 -6.03
CA ALA A 121 1.06 10.14 -6.22
C ALA A 121 -0.29 10.48 -6.78
N ASP A 122 -0.81 11.62 -6.30
CA ASP A 122 -2.12 12.10 -6.77
C ASP A 122 -2.15 13.63 -6.78
N PRO A 123 -2.89 14.24 -7.73
CA PRO A 123 -2.94 15.76 -7.71
C PRO A 123 -3.48 16.32 -6.41
N SER A 124 -4.31 15.59 -5.67
CA SER A 124 -4.75 16.05 -4.36
C SER A 124 -3.64 16.39 -3.39
N MET A 125 -2.46 15.77 -3.55
CA MET A 125 -1.31 16.11 -2.71
C MET A 125 -0.75 17.53 -2.92
N GLU A 126 -1.05 18.12 -4.09
CA GLU A 126 -0.56 19.44 -4.50
C GLU A 126 -1.30 20.49 -3.63
N ARG A 127 -2.34 20.09 -2.89
CA ARG A 127 -3.01 20.96 -1.92
C ARG A 127 -3.05 20.54 -0.48
N SER A 128 -2.04 19.83 -0.05
CA SER A 128 -1.81 19.55 1.38
C SER A 128 -0.89 20.65 1.92
N LEU A 129 -0.28 20.46 3.11
CA LEU A 129 0.80 21.32 3.62
C LEU A 129 2.04 21.30 2.80
N LEU A 130 2.16 20.43 1.80
CA LEU A 130 3.28 20.53 0.87
C LEU A 130 3.33 21.79 0.07
N ALA A 131 2.19 22.41 -0.20
CA ALA A 131 2.16 23.55 -1.08
C ALA A 131 2.89 24.79 -0.48
N ASP A 132 3.01 24.78 0.85
CA ASP A 132 3.36 25.98 1.67
C ASP A 132 4.83 26.29 1.90
N GLN A 133 5.74 25.38 1.53
CA GLN A 133 7.20 25.62 1.50
C GLN A 133 7.93 24.74 0.49
N LYS A 134 9.11 25.20 0.20
CA LYS A 134 10.09 24.55 -0.58
C LYS A 134 10.58 23.27 0.12
N VAL A 135 10.79 22.21 -0.68
CA VAL A 135 11.46 20.96 -0.30
C VAL A 135 12.78 20.77 -0.98
N HIS A 136 13.82 20.59 -0.20
CA HIS A 136 15.17 20.51 -0.71
C HIS A 136 15.52 19.12 -1.12
N MET A 137 15.19 18.09 -0.33
CA MET A 137 15.55 16.68 -0.62
C MET A 137 14.29 15.79 -0.56
N LEU A 138 14.16 14.91 -1.55
CA LEU A 138 12.97 13.98 -1.68
C LEU A 138 13.50 12.51 -1.64
N TYR A 139 13.02 11.71 -0.69
CA TYR A 139 13.34 10.31 -0.60
C TYR A 139 12.13 9.66 -1.21
N LEU A 140 12.31 9.13 -2.44
CA LEU A 140 11.19 8.85 -3.37
C LEU A 140 10.92 7.33 -3.57
N ASP A 141 9.67 6.89 -3.37
CA ASP A 141 9.21 5.53 -3.78
C ASP A 141 9.20 5.47 -5.33
N THR A 142 10.27 4.84 -5.85
CA THR A 142 10.52 4.64 -7.28
C THR A 142 10.16 3.24 -7.82
N THR A 143 9.24 2.54 -7.15
CA THR A 143 8.83 1.18 -7.55
C THR A 143 8.64 1.02 -9.05
N TYR A 144 7.85 1.93 -9.67
CA TYR A 144 7.51 1.85 -11.10
C TYR A 144 8.06 2.99 -11.92
N CYS A 145 9.30 3.40 -11.62
CA CYS A 145 10.00 4.44 -12.31
C CYS A 145 10.56 4.00 -13.68
N SER A 146 9.62 3.72 -14.61
CA SER A 146 9.94 3.42 -16.02
C SER A 146 8.69 3.58 -16.86
N PRO A 147 8.79 4.18 -18.05
CA PRO A 147 7.57 4.52 -18.82
C PRO A 147 6.68 3.38 -19.26
N GLU A 148 7.16 2.13 -19.24
CA GLU A 148 6.32 1.00 -19.50
C GLU A 148 5.25 0.77 -18.48
N TYR A 149 5.43 1.32 -17.28
CA TYR A 149 4.45 1.15 -16.20
C TYR A 149 3.29 2.14 -16.25
N THR A 150 2.22 1.73 -16.95
CA THR A 150 1.00 2.49 -17.06
C THR A 150 -0.02 1.59 -16.35
N PHE A 151 -0.98 2.19 -15.67
CA PHE A 151 -2.11 1.34 -15.27
C PHE A 151 -3.33 2.24 -15.08
N PRO A 152 -4.49 1.64 -15.07
CA PRO A 152 -5.69 2.48 -14.97
C PRO A 152 -5.87 3.09 -13.55
N SER A 153 -6.83 4.02 -13.44
CA SER A 153 -7.22 4.55 -12.13
C SER A 153 -7.79 3.40 -11.28
N GLN A 154 -7.70 3.56 -10.00
CA GLN A 154 -8.32 2.67 -9.03
C GLN A 154 -9.85 2.57 -9.26
N GLN A 155 -10.46 3.73 -9.57
CA GLN A 155 -11.90 3.82 -9.80
C GLN A 155 -12.31 2.94 -11.01
N GLU A 156 -11.58 3.00 -12.11
CA GLU A 156 -11.88 2.11 -13.30
C GLU A 156 -11.73 0.63 -12.97
N VAL A 157 -10.72 0.25 -12.20
CA VAL A 157 -10.50 -1.15 -11.85
C VAL A 157 -11.62 -1.63 -10.97
N ILE A 158 -12.07 -0.83 -10.01
CA ILE A 158 -13.19 -1.25 -9.11
C ILE A 158 -14.51 -1.35 -9.93
N ARG A 159 -14.74 -0.42 -10.87
CA ARG A 159 -15.92 -0.54 -11.76
C ARG A 159 -15.94 -1.88 -12.50
N PHE A 160 -14.80 -2.26 -13.05
CA PHE A 160 -14.67 -3.55 -13.79
C PHE A 160 -15.02 -4.69 -12.82
N ALA A 161 -14.41 -4.68 -11.66
CA ALA A 161 -14.61 -5.80 -10.70
C ALA A 161 -16.10 -5.91 -10.25
N ILE A 162 -16.70 -4.79 -9.84
CA ILE A 162 -18.13 -4.77 -9.43
C ILE A 162 -19.04 -5.32 -10.54
N ASN A 163 -18.82 -4.79 -11.75
CA ASN A 163 -19.68 -5.17 -12.91
C ASN A 163 -19.54 -6.66 -13.23
N THR A 164 -18.28 -7.17 -13.22
CA THR A 164 -17.97 -8.58 -13.46
C THR A 164 -18.60 -9.53 -12.42
N ALA A 165 -18.46 -9.19 -11.15
CA ALA A 165 -18.99 -10.01 -10.04
C ALA A 165 -20.57 -10.01 -10.06
N PHE A 166 -21.14 -8.82 -10.22
CA PHE A 166 -22.59 -8.63 -10.18
C PHE A 166 -23.18 -9.41 -11.35
N GLU A 167 -22.57 -9.31 -12.52
CA GLU A 167 -23.05 -10.13 -13.69
C GLU A 167 -23.01 -11.61 -13.44
N ALA A 168 -21.88 -12.12 -12.95
CA ALA A 168 -21.71 -13.57 -12.72
C ALA A 168 -22.68 -14.17 -11.72
N VAL A 169 -22.88 -13.49 -10.59
CA VAL A 169 -23.75 -13.97 -9.56
C VAL A 169 -25.24 -13.83 -9.91
N THR A 170 -25.55 -12.83 -10.70
CA THR A 170 -26.94 -12.68 -11.17
C THR A 170 -27.27 -13.79 -12.12
N LEU A 171 -26.35 -14.15 -12.99
CA LEU A 171 -26.53 -15.31 -13.95
C LEU A 171 -26.59 -16.64 -13.19
N ASN A 172 -25.71 -16.78 -12.19
CA ASN A 172 -25.70 -17.99 -11.33
C ASN A 172 -25.66 -17.67 -9.85
N PRO A 173 -26.85 -17.64 -9.16
CA PRO A 173 -26.90 -17.43 -7.71
C PRO A 173 -26.13 -18.42 -6.85
N HIS A 174 -25.71 -19.56 -7.40
CA HIS A 174 -24.83 -20.46 -6.73
C HIS A 174 -23.36 -20.29 -6.99
N ALA A 175 -22.92 -19.17 -7.61
CA ALA A 175 -21.46 -18.93 -7.73
C ALA A 175 -20.92 -18.25 -6.44
N LEU A 176 -19.68 -18.59 -6.11
CA LEU A 176 -18.94 -17.99 -4.95
C LEU A 176 -17.93 -17.02 -5.54
N VAL A 177 -17.78 -15.81 -4.94
CA VAL A 177 -16.67 -14.94 -5.32
C VAL A 177 -15.59 -15.06 -4.28
N VAL A 178 -14.32 -15.22 -4.74
CA VAL A 178 -13.13 -15.30 -3.84
C VAL A 178 -12.20 -14.14 -4.20
N CYS A 179 -11.62 -13.48 -3.19
N CYS A 179 -11.67 -13.44 -3.20
CA CYS A 179 -10.61 -12.46 -3.43
CA CYS A 179 -10.60 -12.45 -3.41
C CYS A 179 -9.36 -12.81 -2.61
C CYS A 179 -9.36 -12.93 -2.64
N GLY A 180 -8.21 -12.71 -3.24
CA GLY A 180 -6.89 -12.98 -2.63
C GLY A 180 -6.36 -11.79 -1.82
N THR A 181 -5.62 -12.09 -0.74
CA THR A 181 -4.96 -11.04 0.07
C THR A 181 -3.70 -11.62 0.77
N TYR A 182 -2.68 -10.81 0.92
CA TYR A 182 -1.52 -11.21 1.81
C TYR A 182 -0.95 -10.17 2.75
N SER A 183 -1.48 -8.96 2.62
CA SER A 183 -1.15 -7.89 3.52
C SER A 183 -2.32 -6.91 3.59
N ILE A 184 -2.27 -5.94 4.44
CA ILE A 184 -3.21 -4.83 4.31
C ILE A 184 -3.03 -4.06 3.02
N GLY A 185 -4.04 -3.27 2.62
CA GLY A 185 -4.10 -2.63 1.35
C GLY A 185 -5.12 -3.27 0.41
N LYS A 186 -5.66 -2.47 -0.49
CA LYS A 186 -6.58 -2.97 -1.55
C LYS A 186 -7.94 -3.50 -1.03
N GLU A 187 -8.30 -3.07 0.18
CA GLU A 187 -9.58 -3.49 0.81
C GLU A 187 -10.77 -3.11 -0.09
N LYS A 188 -10.68 -2.02 -0.90
CA LYS A 188 -11.79 -1.60 -1.76
C LYS A 188 -12.23 -2.72 -2.71
N VAL A 189 -11.31 -3.57 -3.15
CA VAL A 189 -11.66 -4.64 -4.07
C VAL A 189 -12.79 -5.53 -3.47
N PHE A 190 -12.55 -6.08 -2.32
CA PHE A 190 -13.44 -7.07 -1.73
C PHE A 190 -14.64 -6.33 -1.11
N LEU A 191 -14.45 -5.16 -0.57
CA LEU A 191 -15.55 -4.39 0.06
C LEU A 191 -16.57 -3.94 -0.98
N ALA A 192 -16.11 -3.46 -2.13
CA ALA A 192 -17.01 -3.01 -3.19
C ALA A 192 -17.82 -4.13 -3.81
N ILE A 193 -17.21 -5.28 -3.95
CA ILE A 193 -17.90 -6.43 -4.54
C ILE A 193 -18.96 -6.89 -3.51
N ALA A 194 -18.58 -7.06 -2.23
CA ALA A 194 -19.61 -7.48 -1.22
C ALA A 194 -20.80 -6.49 -1.20
N ASP A 195 -20.50 -5.20 -1.23
CA ASP A 195 -21.57 -4.16 -1.26
C ASP A 195 -22.56 -4.31 -2.45
N VAL A 196 -22.07 -4.56 -3.69
CA VAL A 196 -23.00 -4.74 -4.81
C VAL A 196 -23.81 -6.02 -4.71
N LEU A 197 -23.27 -7.05 -4.03
CA LEU A 197 -23.96 -8.34 -3.95
C LEU A 197 -24.86 -8.42 -2.72
N GLY A 198 -24.85 -7.39 -1.87
CA GLY A 198 -25.58 -7.45 -0.57
C GLY A 198 -25.15 -8.53 0.40
N SER A 199 -23.83 -8.79 0.48
CA SER A 199 -23.21 -9.82 1.30
C SER A 199 -22.17 -9.15 2.23
N LYS A 200 -21.83 -9.84 3.33
CA LYS A 200 -20.59 -9.49 4.11
C LYS A 200 -19.45 -10.24 3.49
N VAL A 201 -18.21 -9.80 3.77
CA VAL A 201 -17.05 -10.57 3.39
C VAL A 201 -16.60 -11.47 4.50
N GLY A 202 -16.52 -12.76 4.23
CA GLY A 202 -16.06 -13.74 5.16
C GLY A 202 -14.57 -14.03 5.10
N MET A 203 -13.96 -14.19 6.27
CA MET A 203 -12.53 -14.34 6.36
C MET A 203 -12.13 -15.05 7.68
N SER A 204 -10.88 -15.45 7.77
CA SER A 204 -10.27 -15.99 9.00
C SER A 204 -10.31 -15.04 10.14
N GLN A 205 -10.30 -15.61 11.34
CA GLN A 205 -10.23 -14.73 12.56
C GLN A 205 -9.01 -13.79 12.55
N GLU A 206 -7.86 -14.28 12.11
CA GLU A 206 -6.61 -13.48 12.03
C GLU A 206 -6.79 -12.27 11.11
N LYS A 207 -7.41 -12.45 9.91
CA LYS A 207 -7.64 -11.35 9.00
C LYS A 207 -8.72 -10.40 9.49
N TYR A 208 -9.78 -10.92 10.13
CA TYR A 208 -10.79 -10.07 10.73
C TYR A 208 -10.16 -9.12 11.79
N LYS A 209 -9.25 -9.70 12.61
CA LYS A 209 -8.53 -8.96 13.68
C LYS A 209 -7.77 -7.78 13.07
N THR A 210 -7.06 -8.10 12.03
CA THR A 210 -6.25 -7.09 11.24
C THR A 210 -7.15 -5.96 10.76
N LEU A 211 -8.25 -6.32 10.12
CA LEU A 211 -9.16 -5.31 9.63
C LEU A 211 -9.81 -4.45 10.71
N GLN A 212 -10.16 -5.07 11.87
CA GLN A 212 -10.66 -4.27 13.02
C GLN A 212 -9.71 -3.22 13.60
N CYS A 213 -8.41 -3.31 13.33
CA CYS A 213 -7.44 -2.26 13.70
C CYS A 213 -7.41 -1.03 12.78
N LEU A 214 -8.08 -1.08 11.64
CA LEU A 214 -7.98 0.01 10.63
C LEU A 214 -8.88 1.27 10.62
N ASN A 215 -9.64 1.51 11.67
CA ASN A 215 -10.71 2.60 11.63
C ASN A 215 -11.52 2.76 10.31
N ILE A 216 -11.93 1.69 9.68
CA ILE A 216 -12.71 1.85 8.48
C ILE A 216 -14.11 1.98 9.04
N PRO A 217 -14.85 3.06 8.69
CA PRO A 217 -16.26 3.25 9.10
C PRO A 217 -17.16 2.11 8.65
N GLU A 218 -17.99 1.68 9.59
CA GLU A 218 -19.09 0.77 9.36
C GLU A 218 -18.54 -0.62 8.98
N ILE A 219 -17.32 -0.90 9.42
CA ILE A 219 -16.71 -2.20 9.16
C ILE A 219 -17.47 -3.35 9.80
N ASN A 220 -17.97 -3.23 11.01
CA ASN A 220 -18.75 -4.37 11.54
C ASN A 220 -19.90 -4.71 10.53
N SER A 221 -20.37 -3.68 9.80
CA SER A 221 -21.37 -3.87 8.74
C SER A 221 -20.90 -4.64 7.54
N LEU A 222 -19.59 -4.65 7.20
CA LEU A 222 -19.15 -5.30 5.92
C LEU A 222 -18.37 -6.61 6.02
N ILE A 223 -17.82 -6.93 7.19
CA ILE A 223 -16.96 -8.12 7.31
C ILE A 223 -17.47 -9.10 8.39
N THR A 224 -17.03 -10.32 8.32
CA THR A 224 -17.48 -11.39 9.26
C THR A 224 -16.55 -12.56 9.25
N THR A 225 -16.54 -13.32 10.36
CA THR A 225 -15.91 -14.66 10.43
C THR A 225 -16.84 -15.81 10.14
N ASP A 226 -18.10 -15.54 9.85
CA ASP A 226 -19.06 -16.64 9.57
C ASP A 226 -19.07 -16.85 8.09
N MET A 227 -18.28 -17.80 7.62
CA MET A 227 -18.13 -18.01 6.18
C MET A 227 -19.46 -18.47 5.55
N CYS A 228 -20.24 -19.23 6.33
CA CYS A 228 -21.48 -19.81 5.84
C CYS A 228 -22.50 -18.79 5.44
N SER A 229 -22.49 -17.61 6.07
CA SER A 229 -23.41 -16.57 5.74
C SER A 229 -22.93 -15.63 4.59
N SER A 230 -21.74 -15.86 4.07
CA SER A 230 -21.11 -14.91 3.17
C SER A 230 -20.96 -15.54 1.76
N LEU A 231 -21.16 -14.76 0.71
CA LEU A 231 -20.81 -15.26 -0.64
C LEU A 231 -19.64 -14.53 -1.30
N VAL A 232 -18.92 -13.74 -0.49
CA VAL A 232 -17.61 -13.23 -0.88
C VAL A 232 -16.65 -13.73 0.22
N HIS A 233 -15.70 -14.55 -0.18
CA HIS A 233 -14.64 -15.06 0.73
C HIS A 233 -13.26 -14.51 0.45
N LEU A 234 -12.50 -14.22 1.52
CA LEU A 234 -11.13 -13.85 1.39
C LEU A 234 -10.26 -15.00 1.74
N LEU A 235 -9.25 -15.21 0.92
CA LEU A 235 -8.26 -16.27 1.09
C LEU A 235 -6.85 -15.74 0.90
N PRO A 236 -5.84 -16.43 1.46
CA PRO A 236 -4.47 -16.13 1.19
C PRO A 236 -4.16 -16.07 -0.29
N MET A 237 -3.33 -15.16 -0.70
CA MET A 237 -2.99 -14.95 -2.12
C MET A 237 -2.45 -16.25 -2.76
N MET A 238 -1.66 -17.00 -1.99
CA MET A 238 -1.12 -18.28 -2.43
C MET A 238 -2.14 -19.35 -2.75
N GLN A 239 -3.35 -19.26 -2.20
CA GLN A 239 -4.39 -20.22 -2.54
C GLN A 239 -5.22 -19.84 -3.81
N ILE A 240 -4.90 -18.71 -4.47
CA ILE A 240 -5.64 -18.26 -5.65
C ILE A 240 -5.00 -18.89 -6.91
N ASN A 241 -5.30 -20.19 -7.05
CA ASN A 241 -4.88 -21.02 -8.20
C ASN A 241 -5.93 -22.16 -8.31
N PHE A 242 -5.91 -22.86 -9.43
CA PHE A 242 -6.96 -23.86 -9.69
C PHE A 242 -7.07 -24.96 -8.63
N LYS A 243 -5.93 -25.47 -8.13
CA LYS A 243 -5.90 -26.49 -7.06
C LYS A 243 -6.46 -25.95 -5.73
N GLY A 244 -5.96 -24.77 -5.34
CA GLY A 244 -6.38 -24.20 -4.05
C GLY A 244 -7.85 -23.82 -4.01
N LEU A 245 -8.34 -23.42 -5.18
CA LEU A 245 -9.76 -23.03 -5.32
C LEU A 245 -10.71 -24.25 -5.43
N GLN A 246 -10.31 -25.29 -6.17
CA GLN A 246 -11.11 -26.57 -6.21
C GLN A 246 -11.28 -27.11 -4.78
N SER A 247 -10.16 -27.10 -4.03
CA SER A 247 -10.17 -27.50 -2.64
C SER A 247 -11.11 -26.68 -1.76
N HIS A 248 -11.08 -25.34 -1.87
CA HIS A 248 -12.01 -24.53 -1.13
C HIS A 248 -13.47 -24.84 -1.47
N LEU A 249 -13.77 -25.08 -2.73
CA LEU A 249 -15.15 -25.27 -3.17
C LEU A 249 -15.70 -26.58 -2.54
N LYS A 250 -14.83 -27.57 -2.44
CA LYS A 250 -15.15 -28.82 -1.72
C LYS A 250 -15.61 -28.49 -0.31
N LYS A 251 -14.87 -27.64 0.40
CA LYS A 251 -15.22 -27.27 1.76
C LYS A 251 -16.57 -26.60 1.99
N CYS A 252 -17.15 -26.01 0.95
CA CYS A 252 -18.40 -25.29 1.11
C CYS A 252 -19.63 -26.21 1.06
N GLY A 253 -19.40 -27.51 0.94
CA GLY A 253 -20.44 -28.50 1.21
C GLY A 253 -21.58 -28.50 0.20
N GLY A 254 -21.30 -28.21 -1.06
CA GLY A 254 -22.36 -28.13 -2.07
C GLY A 254 -23.30 -26.95 -2.02
N LYS A 255 -22.90 -25.89 -1.34
CA LYS A 255 -23.62 -24.64 -1.34
C LYS A 255 -23.39 -23.86 -2.68
N TYR A 256 -22.21 -24.08 -3.24
CA TYR A 256 -21.78 -23.43 -4.46
C TYR A 256 -21.33 -24.41 -5.50
N ASN A 257 -21.46 -24.05 -6.77
CA ASN A 257 -21.02 -24.88 -7.91
C ASN A 257 -20.13 -24.19 -8.92
N GLN A 258 -19.61 -22.99 -8.59
CA GLN A 258 -18.76 -22.21 -9.47
C GLN A 258 -17.99 -21.22 -8.57
N ILE A 259 -16.75 -20.93 -8.92
CA ILE A 259 -15.95 -19.83 -8.29
C ILE A 259 -15.50 -18.81 -9.32
N LEU A 260 -15.70 -17.51 -9.00
CA LEU A 260 -15.10 -16.43 -9.74
C LEU A 260 -14.10 -15.78 -8.75
N ALA A 261 -12.82 -15.79 -9.09
CA ALA A 261 -11.75 -15.29 -8.18
C ALA A 261 -11.00 -14.13 -8.71
N PHE A 262 -10.60 -13.23 -7.78
CA PHE A 262 -9.81 -12.05 -8.17
C PHE A 262 -8.42 -12.03 -7.47
N ARG A 263 -7.37 -11.79 -8.27
CA ARG A 263 -5.98 -11.54 -7.77
C ARG A 263 -5.68 -10.08 -8.12
N PRO A 264 -5.67 -9.17 -7.11
CA PRO A 264 -5.28 -7.81 -7.35
C PRO A 264 -3.72 -7.94 -7.42
N THR A 265 -3.18 -7.75 -8.57
CA THR A 265 -1.72 -7.65 -8.75
C THR A 265 -1.34 -6.14 -8.79
N GLY A 266 -0.04 -5.80 -8.79
CA GLY A 266 0.38 -4.41 -9.05
C GLY A 266 0.32 -4.14 -10.55
N TRP A 267 1.47 -4.33 -11.23
CA TRP A 267 1.58 -4.35 -12.72
C TRP A 267 1.85 -5.77 -13.23
N THR A 268 1.27 -6.03 -14.40
CA THR A 268 1.55 -7.20 -15.23
C THR A 268 1.55 -6.75 -16.74
N HIS A 269 2.62 -7.06 -17.50
CA HIS A 269 2.81 -6.77 -18.98
C HIS A 269 1.63 -6.97 -19.97
N SER A 270 0.54 -7.60 -19.52
CA SER A 270 -0.76 -7.43 -20.20
C SER A 270 -1.25 -5.93 -20.24
N ASN A 271 -0.71 -5.07 -19.36
CA ASN A 271 -0.96 -3.61 -19.32
C ASN A 271 -0.49 -2.82 -20.54
N LYS A 272 0.66 -3.19 -21.08
CA LYS A 272 1.26 -2.50 -22.25
C LYS A 272 0.46 -2.65 -23.55
N PHE A 273 -0.39 -3.70 -23.61
CA PHE A 273 -1.18 -4.01 -24.79
C PHE A 273 -2.68 -3.86 -24.62
N THR A 274 -3.19 -4.11 -23.42
CA THR A 274 -4.62 -4.33 -23.21
C THR A 274 -5.23 -3.23 -22.28
N ARG A 275 -6.42 -2.73 -22.65
CA ARG A 275 -7.26 -1.85 -21.79
C ARG A 275 -8.01 -2.65 -20.74
N ILE A 276 -8.44 -1.99 -19.65
CA ILE A 276 -9.10 -2.70 -18.52
C ILE A 276 -10.36 -3.36 -19.06
N ALA A 277 -11.06 -2.64 -19.92
CA ALA A 277 -12.26 -3.13 -20.63
C ALA A 277 -12.03 -4.54 -21.18
N ASP A 278 -10.85 -4.72 -21.77
CA ASP A 278 -10.47 -5.94 -22.49
C ASP A 278 -9.90 -7.12 -21.66
N VAL A 279 -9.86 -7.03 -20.33
CA VAL A 279 -9.25 -8.10 -19.47
C VAL A 279 -10.13 -9.35 -19.42
N ILE A 280 -9.52 -10.53 -19.51
CA ILE A 280 -10.23 -11.80 -19.53
C ILE A 280 -9.58 -12.74 -18.52
N PRO A 281 -10.34 -13.75 -17.99
CA PRO A 281 -9.81 -14.59 -16.98
C PRO A 281 -9.11 -15.79 -17.57
N GLN A 282 -8.37 -16.48 -16.72
CA GLN A 282 -7.97 -17.88 -16.95
C GLN A 282 -9.04 -18.80 -16.38
N THR A 283 -9.47 -19.78 -17.16
CA THR A 283 -10.60 -20.62 -16.76
C THR A 283 -10.25 -22.10 -16.85
N LYS A 284 -10.68 -22.88 -15.88
CA LYS A 284 -10.57 -24.35 -15.93
C LYS A 284 -11.80 -24.92 -15.30
N GLY A 285 -12.67 -25.57 -16.08
CA GLY A 285 -13.85 -26.15 -15.50
C GLY A 285 -14.76 -25.04 -15.01
N ASN A 286 -15.20 -25.14 -13.75
CA ASN A 286 -16.14 -24.19 -13.14
C ASN A 286 -15.44 -23.09 -12.28
N ILE A 287 -14.16 -22.87 -12.54
CA ILE A 287 -13.31 -21.90 -11.84
C ILE A 287 -12.73 -20.90 -12.83
N SER A 288 -12.98 -19.59 -12.60
CA SER A 288 -12.29 -18.53 -13.36
C SER A 288 -11.47 -17.60 -12.46
N ILE A 289 -10.29 -17.17 -12.93
CA ILE A 289 -9.36 -16.28 -12.17
C ILE A 289 -9.02 -15.04 -12.98
N TYR A 290 -9.38 -13.84 -12.47
CA TYR A 290 -9.04 -12.57 -13.04
C TYR A 290 -7.87 -11.90 -12.27
N GLY A 291 -6.82 -11.55 -12.99
CA GLY A 291 -5.75 -10.68 -12.46
C GLY A 291 -6.11 -9.28 -12.83
N ILE A 292 -6.33 -8.44 -11.81
CA ILE A 292 -6.74 -7.05 -12.06
C ILE A 292 -5.59 -6.09 -11.54
N PRO A 293 -5.25 -5.07 -12.35
CA PRO A 293 -4.13 -4.19 -12.05
C PRO A 293 -4.46 -3.04 -11.11
N TYR A 294 -4.79 -3.42 -9.90
CA TYR A 294 -5.12 -2.49 -8.84
C TYR A 294 -3.80 -2.13 -8.12
N SER A 295 -3.26 -0.96 -8.43
CA SER A 295 -1.98 -0.52 -7.84
C SER A 295 -2.15 0.45 -6.65
N GLU A 296 -1.29 0.28 -5.63
CA GLU A 296 -1.13 1.26 -4.59
C GLU A 296 0.22 1.98 -4.60
N HIS A 297 0.89 1.94 -5.78
CA HIS A 297 2.04 2.73 -6.05
C HIS A 297 1.81 3.60 -7.28
N SER A 298 2.62 4.69 -7.39
CA SER A 298 2.51 5.63 -8.54
C SER A 298 2.76 4.91 -9.82
N SER A 299 1.97 5.20 -10.83
CA SER A 299 2.46 4.93 -12.24
C SER A 299 3.65 5.86 -12.55
N TYR A 300 4.35 5.57 -13.65
CA TYR A 300 5.43 6.47 -14.12
C TYR A 300 4.95 7.89 -14.32
N LEU A 301 3.87 8.05 -15.05
CA LEU A 301 3.35 9.41 -15.31
C LEU A 301 2.89 10.16 -14.02
N GLU A 302 2.27 9.42 -13.08
CA GLU A 302 1.86 10.07 -11.80
C GLU A 302 3.05 10.54 -10.99
N MET A 303 4.07 9.68 -10.92
CA MET A 303 5.35 10.00 -10.28
C MET A 303 6.08 11.25 -10.89
N LYS A 304 6.16 11.20 -12.21
CA LYS A 304 6.73 12.32 -12.99
C LYS A 304 6.02 13.66 -12.65
N ARG A 305 4.69 13.64 -12.68
CA ARG A 305 3.94 14.87 -12.44
C ARG A 305 4.23 15.42 -11.04
N PHE A 306 4.20 14.56 -10.01
CA PHE A 306 4.47 14.96 -8.64
C PHE A 306 5.80 15.61 -8.48
N VAL A 307 6.85 14.97 -9.00
CA VAL A 307 8.18 15.48 -8.86
C VAL A 307 8.35 16.80 -9.64
N GLN A 308 7.77 16.90 -10.81
CA GLN A 308 7.89 18.17 -11.65
C GLN A 308 7.11 19.29 -10.95
N TRP A 309 6.05 18.95 -10.15
CA TRP A 309 5.35 19.97 -9.34
C TRP A 309 6.16 20.39 -8.11
N LEU A 310 6.74 19.40 -7.37
CA LEU A 310 7.48 19.65 -6.15
C LEU A 310 8.83 20.38 -6.39
N LYS A 311 9.47 20.09 -7.53
CA LYS A 311 10.78 20.66 -7.87
C LYS A 311 11.87 20.55 -6.80
N PRO A 312 12.16 19.33 -6.31
CA PRO A 312 13.21 19.15 -5.32
C PRO A 312 14.60 19.43 -5.86
N GLN A 313 15.50 19.84 -4.98
CA GLN A 313 16.88 20.04 -5.38
C GLN A 313 17.66 18.74 -5.52
N LYS A 314 17.34 17.72 -4.73
CA LYS A 314 18.01 16.43 -4.81
C LYS A 314 17.00 15.30 -4.60
N ILE A 315 17.09 14.20 -5.39
CA ILE A 315 16.19 13.03 -5.27
C ILE A 315 17.04 11.83 -4.83
N ILE A 316 16.55 11.09 -3.83
CA ILE A 316 17.16 9.89 -3.28
C ILE A 316 16.13 8.76 -3.51
N PRO A 317 16.38 7.89 -4.49
CA PRO A 317 15.43 6.74 -4.62
C PRO A 317 15.52 5.76 -3.48
N THR A 318 14.38 5.12 -3.08
CA THR A 318 14.29 4.16 -2.01
C THR A 318 13.96 2.73 -2.54
N VAL A 319 13.70 2.58 -3.80
CA VAL A 319 13.25 1.34 -4.45
C VAL A 319 14.03 1.09 -5.75
N ASN A 320 14.40 -0.17 -5.99
CA ASN A 320 15.20 -0.54 -7.21
C ASN A 320 16.65 0.00 -7.14
N VAL A 321 17.19 0.10 -5.96
CA VAL A 321 18.49 0.73 -5.74
C VAL A 321 19.62 -0.33 -5.76
N GLY A 322 19.28 -1.61 -5.93
CA GLY A 322 20.32 -2.65 -5.77
C GLY A 322 21.10 -2.97 -7.04
N THR A 323 20.78 -2.43 -8.23
CA THR A 323 21.55 -2.70 -9.45
C THR A 323 22.00 -1.41 -10.13
N TRP A 324 23.20 -1.44 -10.70
CA TRP A 324 23.72 -0.25 -11.39
C TRP A 324 22.84 0.14 -12.58
N LYS A 325 22.32 -0.82 -13.33
CA LYS A 325 21.47 -0.52 -14.47
C LYS A 325 20.18 0.16 -14.01
N SER A 326 19.57 -0.29 -12.91
CA SER A 326 18.36 0.42 -12.39
C SER A 326 18.63 1.82 -11.95
N ARG A 327 19.69 1.97 -11.18
CA ARG A 327 20.05 3.26 -10.66
C ARG A 327 20.33 4.25 -11.80
N SER A 328 21.09 3.81 -12.80
CA SER A 328 21.42 4.64 -13.98
C SER A 328 20.18 5.07 -14.77
N THR A 329 19.28 4.12 -14.97
CA THR A 329 17.96 4.36 -15.62
C THR A 329 17.19 5.47 -14.86
N MET A 330 17.00 5.29 -13.57
CA MET A 330 16.26 6.27 -12.76
C MET A 330 16.88 7.70 -12.81
N GLU A 331 18.20 7.79 -12.61
N GLU A 331 18.19 7.81 -12.60
CA GLU A 331 18.93 9.07 -12.71
CA GLU A 331 18.89 9.13 -12.70
C GLU A 331 18.77 9.76 -14.05
C GLU A 331 18.72 9.77 -14.06
N LYS A 332 18.73 9.00 -15.13
CA LYS A 332 18.47 9.59 -16.47
C LYS A 332 17.07 10.15 -16.54
N TYR A 333 16.07 9.45 -16.01
CA TYR A 333 14.68 10.04 -15.98
C TYR A 333 14.60 11.29 -15.09
N PHE A 334 15.22 11.28 -13.92
CA PHE A 334 15.21 12.47 -13.09
C PHE A 334 15.75 13.73 -13.83
N ARG A 335 16.83 13.51 -14.54
CA ARG A 335 17.42 14.61 -15.39
C ARG A 335 16.47 15.05 -16.46
N GLU A 336 15.84 14.13 -17.20
N GLU A 336 15.84 14.10 -17.16
CA GLU A 336 14.86 14.54 -18.19
CA GLU A 336 14.88 14.44 -18.17
C GLU A 336 13.83 15.42 -17.49
C GLU A 336 13.69 15.25 -17.62
N TRP A 337 13.23 14.88 -16.40
CA TRP A 337 12.15 15.65 -15.80
C TRP A 337 12.52 17.09 -15.41
N LYS A 338 13.75 17.25 -14.88
CA LYS A 338 14.27 18.53 -14.45
C LYS A 338 14.44 19.46 -15.68
N LEU A 339 14.95 18.94 -16.79
CA LEU A 339 15.20 19.77 -18.02
C LEU A 339 13.88 20.17 -18.67
N GLU A 340 12.92 19.27 -18.69
CA GLU A 340 11.66 19.51 -19.35
C GLU A 340 10.94 20.58 -18.51
N ALA A 341 10.96 20.50 -17.17
CA ALA A 341 10.26 21.46 -16.31
C ALA A 341 11.00 22.78 -16.05
N GLY A 342 12.33 22.81 -16.20
CA GLY A 342 13.09 24.04 -16.03
C GLY A 342 13.65 24.37 -14.66
N TYR A 343 13.50 23.47 -13.69
CA TYR A 343 14.08 23.70 -12.36
C TYR A 343 15.53 23.32 -12.41
C1 MLI B . 4.86 -3.91 -0.47
C2 MLI B . 4.28 -2.95 -1.48
C3 MLI B . 5.93 -3.32 0.44
O6 MLI B . 4.26 -3.15 -2.73
O7 MLI B . 3.82 -1.92 -0.96
O8 MLI B . 7.03 -3.93 0.56
O9 MLI B . 5.68 -2.33 1.13
NI NI C . 4.13 -0.98 0.95
#